data_8A65
#
_entry.id   8A65
#
_cell.length_a   81.879
_cell.length_b   112.144
_cell.length_c   62.632
_cell.angle_alpha   90.00
_cell.angle_beta   90.00
_cell.angle_gamma   90.00
#
_symmetry.space_group_name_H-M   'C 2 2 21'
#
loop_
_entity.id
_entity.type
_entity.pdbx_description
1 polymer '14-3-3 protein sigma'
2 polymer 'Forkhead box protein O1'
3 non-polymer 'MAGNESIUM ION'
4 non-polymer (3~{S})-1-[2-azanyl-3,5-bis(chloranyl)phenyl]carbonyl-~{N}-[2-[2-(dimethylamino)ethyldisulfanyl]ethyl]piperidine-3-carboxamide
5 water water
#
loop_
_entity_poly.entity_id
_entity_poly.type
_entity_poly.pdbx_seq_one_letter_code
_entity_poly.pdbx_strand_id
1 'polypeptide(L)'
;GAMGSMERASLIQKAKLAEQAERYEDMAAFMKGAVEKGEELSCEERNLLSVAYKNVVGGQRAAWRVLSSIEQKSNEEGSE
EKGPEVREYREKVETELQGVCDTVLGLLDSHLIKEAGDAESRVFYLKMKGDYYRYLAEVATGDDKKRIIDSARSAYQEAM
DISKKEMPPTNPIRLGLALNFSVFHYEIANSPEEAISLAKTTFDEAMADLHTLSEDSYKDSTLIMQLLRDNLTLWT
;
A
2 'polypeptide(L)' R(SEP)(CSO)(TPO)WPLP B
#
loop_
_chem_comp.id
_chem_comp.type
_chem_comp.name
_chem_comp.formula
L70 non-polymer (3~{S})-1-[2-azanyl-3,5-bis(chloranyl)phenyl]carbonyl-~{N}-[2-[2-(dimethylamino)ethyldisulfanyl]ethyl]piperidine-3-carboxamide 'C19 H28 Cl2 N4 O2 S2'
MG non-polymer 'MAGNESIUM ION' 'Mg 2'
#
# COMPACT_ATOMS: atom_id res chain seq x y z
N GLY A 1 17.55 13.68 -9.15
CA GLY A 1 17.90 12.50 -10.01
C GLY A 1 17.76 12.87 -11.46
N ALA A 2 17.35 11.92 -12.30
CA ALA A 2 17.21 12.17 -13.74
C ALA A 2 16.04 13.09 -14.04
N MET A 3 15.15 13.29 -13.07
CA MET A 3 14.08 14.26 -13.22
C MET A 3 14.39 15.67 -12.71
N GLY A 4 15.61 15.88 -12.23
CA GLY A 4 15.99 17.15 -11.67
C GLY A 4 15.84 18.38 -12.56
N SER A 5 15.98 18.16 -13.87
CA SER A 5 15.86 19.25 -14.83
C SER A 5 14.47 19.53 -15.33
N MET A 6 13.50 18.69 -14.97
CA MET A 6 12.14 18.87 -15.46
C MET A 6 11.29 19.66 -14.47
N GLU A 7 10.48 20.57 -14.99
CA GLU A 7 9.51 21.33 -14.18
C GLU A 7 8.59 20.41 -13.37
N ARG A 8 8.32 20.80 -12.13
CA ARG A 8 7.32 20.09 -11.30
C ARG A 8 6.01 19.89 -12.07
N ALA A 9 5.47 20.93 -12.71
CA ALA A 9 4.16 20.84 -13.35
C ALA A 9 4.23 19.86 -14.52
N SER A 10 5.39 19.85 -15.20
CA SER A 10 5.60 18.94 -16.34
C SER A 10 5.66 17.49 -15.90
N LEU A 11 6.28 17.26 -14.74
CA LEU A 11 6.35 15.92 -14.16
C LEU A 11 4.96 15.41 -13.81
N ILE A 12 4.13 16.27 -13.20
CA ILE A 12 2.76 15.87 -12.87
C ILE A 12 1.95 15.62 -14.15
N GLN A 13 2.10 16.50 -15.13
CA GLN A 13 1.43 16.32 -16.43
C GLN A 13 1.81 14.97 -17.05
N LYS A 14 3.11 14.67 -17.05
CA LYS A 14 3.58 13.42 -17.62
C LYS A 14 3.17 12.19 -16.81
N ALA A 15 3.10 12.31 -15.48
CA ALA A 15 2.57 11.20 -14.68
C ALA A 15 1.14 10.84 -15.12
N LYS A 16 0.32 11.87 -15.40
CA LYS A 16 -1.05 11.64 -15.82
C LYS A 16 -1.06 10.97 -17.20
N LEU A 17 -0.17 11.40 -18.09
CA LEU A 17 -0.07 10.77 -19.42
C LEU A 17 0.36 9.30 -19.28
N ALA A 18 1.33 9.05 -18.40
CA ALA A 18 1.86 7.70 -18.20
C ALA A 18 0.77 6.81 -17.67
N GLU A 19 -0.07 7.33 -16.78
CA GLU A 19 -1.22 6.56 -16.27
C GLU A 19 -2.14 6.17 -17.45
N GLN A 20 -2.48 7.13 -18.29
CA GLN A 20 -3.38 6.86 -19.44
C GLN A 20 -2.79 5.80 -20.33
N ALA A 21 -1.46 5.81 -20.50
CA ALA A 21 -0.71 4.87 -21.32
C ALA A 21 -0.39 3.53 -20.63
N GLU A 22 -0.81 3.38 -19.37
CA GLU A 22 -0.50 2.21 -18.55
C GLU A 22 1.01 1.95 -18.40
N ARG A 23 1.77 3.04 -18.34
CA ARG A 23 3.24 3.04 -18.21
C ARG A 23 3.57 3.38 -16.75
N TYR A 24 3.37 2.44 -15.84
CA TYR A 24 3.39 2.75 -14.40
C TYR A 24 4.82 2.97 -13.89
N GLU A 25 5.82 2.31 -14.48
CA GLU A 25 7.20 2.56 -14.07
C GLU A 25 7.51 4.02 -14.36
N ASP A 26 7.15 4.50 -15.57
CA ASP A 26 7.39 5.87 -15.92
C ASP A 26 6.59 6.80 -14.96
N MET A 27 5.35 6.44 -14.69
CA MET A 27 4.49 7.24 -13.82
C MET A 27 5.16 7.41 -12.45
N ALA A 28 5.69 6.32 -11.90
CA ALA A 28 6.39 6.35 -10.61
C ALA A 28 7.61 7.23 -10.64
N ALA A 29 8.41 7.13 -11.70
CA ALA A 29 9.59 7.95 -11.85
C ALA A 29 9.25 9.43 -11.92
N PHE A 30 8.17 9.77 -12.63
CA PHE A 30 7.74 11.14 -12.74
C PHE A 30 7.31 11.64 -11.35
N MET A 31 6.51 10.83 -10.64
CA MET A 31 6.05 11.25 -9.32
C MET A 31 7.18 11.35 -8.29
N LYS A 32 8.14 10.44 -8.35
CA LYS A 32 9.34 10.57 -7.50
C LYS A 32 10.01 11.92 -7.78
N GLY A 33 10.18 12.26 -9.07
CA GLY A 33 10.75 13.52 -9.43
C GLY A 33 9.99 14.68 -8.85
N ALA A 34 8.67 14.62 -8.94
CA ALA A 34 7.82 15.68 -8.38
C ALA A 34 8.00 15.80 -6.88
N VAL A 35 8.00 14.68 -6.16
CA VAL A 35 8.19 14.73 -4.72
C VAL A 35 9.54 15.35 -4.38
N GLU A 36 10.57 15.01 -5.14
CA GLU A 36 11.92 15.49 -4.86
C GLU A 36 12.10 16.98 -5.12
N LYS A 37 11.12 17.63 -5.74
CA LYS A 37 11.13 19.10 -5.79
C LYS A 37 11.04 19.73 -4.45
N GLY A 38 10.50 18.99 -3.47
CA GLY A 38 10.50 19.46 -2.10
C GLY A 38 9.24 20.17 -1.64
N GLU A 39 8.31 20.46 -2.54
CA GLU A 39 7.01 20.99 -2.16
C GLU A 39 6.06 19.88 -1.68
N GLU A 40 5.15 20.25 -0.78
CA GLU A 40 4.09 19.33 -0.38
C GLU A 40 3.26 18.95 -1.62
N LEU A 41 2.59 17.79 -1.53
CA LEU A 41 1.72 17.28 -2.60
C LEU A 41 0.28 17.60 -2.28
N SER A 42 -0.46 17.99 -3.32
CA SER A 42 -1.89 18.16 -3.18
C SER A 42 -2.59 16.79 -3.09
N CYS A 43 -3.91 16.79 -2.84
CA CYS A 43 -4.65 15.57 -2.75
C CYS A 43 -4.52 14.73 -4.04
N GLU A 44 -4.70 15.38 -5.19
CA GLU A 44 -4.68 14.68 -6.45
C GLU A 44 -3.28 14.11 -6.68
N GLU A 45 -2.26 14.90 -6.33
CA GLU A 45 -0.86 14.47 -6.52
C GLU A 45 -0.50 13.28 -5.62
N ARG A 46 -1.02 13.28 -4.39
CA ARG A 46 -0.83 12.11 -3.48
C ARG A 46 -1.45 10.87 -4.14
N ASN A 47 -2.63 11.01 -4.73
CA ASN A 47 -3.25 9.87 -5.38
C ASN A 47 -2.40 9.37 -6.54
N LEU A 48 -1.82 10.27 -7.33
CA LEU A 48 -0.96 9.87 -8.45
C LEU A 48 0.25 9.09 -7.95
N LEU A 49 0.84 9.57 -6.86
CA LEU A 49 1.98 8.90 -6.25
C LEU A 49 1.63 7.47 -5.83
N SER A 50 0.50 7.35 -5.13
CA SER A 50 0.04 6.06 -4.66
C SER A 50 -0.29 5.11 -5.82
N VAL A 51 -1.05 5.60 -6.81
CA VAL A 51 -1.41 4.72 -7.95
C VAL A 51 -0.14 4.21 -8.68
N ALA A 52 0.84 5.09 -8.86
CA ALA A 52 2.03 4.75 -9.61
C ALA A 52 2.74 3.61 -8.94
N TYR A 53 3.11 3.79 -7.68
CA TYR A 53 3.90 2.77 -6.95
C TYR A 53 3.03 1.53 -6.69
N LYS A 54 1.72 1.68 -6.48
CA LYS A 54 0.92 0.48 -6.22
C LYS A 54 0.96 -0.45 -7.42
N ASN A 55 0.85 0.11 -8.62
CA ASN A 55 0.92 -0.67 -9.85
C ASN A 55 2.28 -1.30 -10.05
N VAL A 56 3.36 -0.54 -9.80
CA VAL A 56 4.69 -1.12 -9.95
C VAL A 56 4.87 -2.27 -8.97
N VAL A 57 4.61 -2.01 -7.69
CA VAL A 57 4.87 -3.07 -6.68
C VAL A 57 3.89 -4.19 -6.86
N GLY A 58 2.68 -3.90 -7.36
CA GLY A 58 1.69 -4.94 -7.57
C GLY A 58 2.16 -5.97 -8.57
N GLY A 59 2.80 -5.51 -9.65
CA GLY A 59 3.37 -6.41 -10.62
C GLY A 59 4.48 -7.28 -10.03
N GLN A 60 5.34 -6.67 -9.21
CA GLN A 60 6.46 -7.36 -8.62
C GLN A 60 5.95 -8.40 -7.64
N ARG A 61 4.94 -8.02 -6.84
CA ARG A 61 4.39 -8.94 -5.82
C ARG A 61 3.76 -10.14 -6.54
N ALA A 62 3.03 -9.92 -7.63
CA ALA A 62 2.38 -11.01 -8.33
C ALA A 62 3.48 -11.93 -8.86
N ALA A 63 4.53 -11.35 -9.41
CA ALA A 63 5.60 -12.19 -9.98
C ALA A 63 6.30 -12.99 -8.88
N TRP A 64 6.58 -12.33 -7.77
CA TRP A 64 7.21 -12.96 -6.62
C TRP A 64 6.39 -14.16 -6.14
N ARG A 65 5.07 -14.02 -6.09
CA ARG A 65 4.19 -15.12 -5.61
C ARG A 65 4.25 -16.31 -6.59
N VAL A 66 4.27 -16.04 -7.89
CA VAL A 66 4.36 -17.11 -8.88
C VAL A 66 5.67 -17.86 -8.61
N LEU A 67 6.78 -17.12 -8.51
CA LEU A 67 8.10 -17.72 -8.38
C LEU A 67 8.30 -18.46 -7.05
N SER A 68 7.76 -17.90 -5.97
CA SER A 68 7.85 -18.52 -4.67
C SER A 68 7.10 -19.84 -4.67
N SER A 69 5.96 -19.87 -5.37
CA SER A 69 5.14 -21.08 -5.45
C SER A 69 5.93 -22.16 -6.16
N ILE A 70 6.58 -21.78 -7.27
CA ILE A 70 7.37 -22.74 -8.06
C ILE A 70 8.53 -23.25 -7.21
N GLU A 71 9.18 -22.34 -6.48
CA GLU A 71 10.32 -22.68 -5.62
C GLU A 71 9.90 -23.64 -4.49
N GLN A 72 8.72 -23.39 -3.92
CA GLN A 72 8.20 -24.23 -2.83
C GLN A 72 7.93 -25.65 -3.31
N LYS A 73 7.35 -25.77 -4.50
CA LYS A 73 7.12 -27.07 -5.14
C LYS A 73 8.41 -27.82 -5.44
N SER A 74 9.45 -27.09 -5.85
CA SER A 74 10.75 -27.67 -6.17
C SER A 74 11.39 -28.30 -4.94
N ASN A 75 11.06 -27.79 -3.75
CA ASN A 75 11.64 -28.27 -2.50
C ASN A 75 10.77 -29.29 -1.75
N GLU A 76 9.77 -29.86 -2.44
CA GLU A 76 9.00 -30.98 -1.93
C GLU A 76 9.77 -32.29 -2.13
N GLU A 77 9.26 -33.37 -1.52
CA GLU A 77 9.81 -34.71 -1.68
C GLU A 77 9.30 -35.29 -3.00
N GLY A 78 10.23 -35.82 -3.81
CA GLY A 78 9.92 -36.42 -5.09
C GLY A 78 10.04 -35.45 -6.26
N SER A 79 10.30 -34.17 -5.95
CA SER A 79 10.55 -33.15 -6.94
C SER A 79 12.00 -33.24 -7.39
N GLU A 80 12.21 -33.26 -8.71
CA GLU A 80 13.53 -33.39 -9.31
C GLU A 80 14.36 -32.12 -9.03
N GLU A 81 15.66 -32.30 -8.76
CA GLU A 81 16.59 -31.19 -8.55
C GLU A 81 16.77 -30.44 -9.85
N LYS A 82 16.54 -29.14 -9.84
CA LYS A 82 16.59 -28.33 -11.05
C LYS A 82 17.63 -27.22 -10.99
N GLY A 83 18.50 -27.29 -9.98
CA GLY A 83 19.57 -26.35 -9.82
C GLY A 83 19.12 -25.06 -9.15
N PRO A 84 19.99 -24.03 -9.14
CA PRO A 84 19.75 -22.82 -8.36
C PRO A 84 18.89 -21.76 -9.06
N GLU A 85 18.43 -22.03 -10.28
CA GLU A 85 17.83 -20.98 -11.09
C GLU A 85 16.54 -20.37 -10.51
N VAL A 86 15.65 -21.22 -9.99
CA VAL A 86 14.38 -20.75 -9.47
C VAL A 86 14.63 -19.82 -8.31
N ARG A 87 15.47 -20.26 -7.37
CA ARG A 87 15.84 -19.42 -6.19
C ARG A 87 16.50 -18.13 -6.66
N GLU A 88 17.46 -18.22 -7.61
CA GLU A 88 18.14 -17.03 -8.09
C GLU A 88 17.16 -16.02 -8.64
N TYR A 89 16.23 -16.49 -9.46
CA TYR A 89 15.32 -15.56 -10.17
C TYR A 89 14.29 -15.00 -9.17
N ARG A 90 13.81 -15.83 -8.24
CA ARG A 90 12.95 -15.33 -7.14
C ARG A 90 13.71 -14.25 -6.36
N GLU A 91 14.99 -14.47 -6.05
CA GLU A 91 15.79 -13.50 -5.35
C GLU A 91 15.93 -12.20 -6.15
N LYS A 92 16.04 -12.32 -7.47
CA LYS A 92 16.20 -11.14 -8.31
C LYS A 92 14.94 -10.28 -8.23
N VAL A 93 13.79 -10.91 -8.40
CA VAL A 93 12.52 -10.19 -8.32
C VAL A 93 12.33 -9.61 -6.92
N GLU A 94 12.67 -10.40 -5.88
CA GLU A 94 12.57 -9.97 -4.50
C GLU A 94 13.38 -8.72 -4.23
N THR A 95 14.62 -8.72 -4.73
CA THR A 95 15.51 -7.59 -4.48
C THR A 95 14.95 -6.34 -5.18
N GLU A 96 14.39 -6.52 -6.37
CA GLU A 96 13.85 -5.39 -7.12
C GLU A 96 12.62 -4.82 -6.36
N LEU A 97 11.78 -5.73 -5.86
CA LEU A 97 10.62 -5.34 -5.04
C LEU A 97 11.07 -4.56 -3.80
N GLN A 98 12.05 -5.09 -3.07
CA GLN A 98 12.56 -4.44 -1.89
C GLN A 98 13.08 -3.06 -2.22
N GLY A 99 13.71 -2.93 -3.39
CA GLY A 99 14.20 -1.66 -3.81
C GLY A 99 13.11 -0.63 -4.01
N VAL A 100 12.00 -1.03 -4.63
CA VAL A 100 10.87 -0.16 -4.85
C VAL A 100 10.31 0.25 -3.48
N CYS A 101 10.12 -0.73 -2.60
CA CYS A 101 9.62 -0.37 -1.26
C CYS A 101 10.52 0.62 -0.54
N ASP A 102 11.84 0.41 -0.58
CA ASP A 102 12.79 1.29 0.05
C ASP A 102 12.73 2.68 -0.56
N THR A 103 12.52 2.75 -1.88
CA THR A 103 12.37 4.05 -2.55
C THR A 103 11.15 4.80 -2.02
N VAL A 104 10.01 4.12 -1.94
CA VAL A 104 8.78 4.77 -1.43
C VAL A 104 9.00 5.20 0.02
N LEU A 105 9.54 4.30 0.85
CA LEU A 105 9.74 4.62 2.24
C LEU A 105 10.69 5.80 2.38
N GLY A 106 11.69 5.86 1.50
CA GLY A 106 12.61 6.97 1.48
C GLY A 106 11.94 8.30 1.19
N LEU A 107 11.02 8.33 0.22
CA LEU A 107 10.29 9.54 -0.07
C LEU A 107 9.44 9.97 1.13
N LEU A 108 8.81 9.00 1.80
CA LEU A 108 8.00 9.31 2.95
C LEU A 108 8.84 9.87 4.06
N ASP A 109 10.04 9.33 4.27
CA ASP A 109 10.89 9.79 5.37
C ASP A 109 11.64 11.06 5.04
N SER A 110 11.80 11.35 3.74
CA SER A 110 12.57 12.50 3.29
C SER A 110 11.85 13.23 2.17
N HIS A 111 10.82 14.04 2.46
CA HIS A 111 10.40 14.46 3.79
C HIS A 111 8.89 14.61 3.86
N LEU A 112 8.17 13.72 3.16
CA LEU A 112 6.72 13.89 3.05
C LEU A 112 5.98 13.87 4.39
N ILE A 113 6.31 12.89 5.25
CA ILE A 113 5.62 12.74 6.49
C ILE A 113 5.85 13.94 7.42
N LYS A 114 7.09 14.34 7.61
CA LYS A 114 7.36 15.40 8.55
C LYS A 114 6.73 16.71 8.15
N GLU A 115 6.51 16.94 6.85
CA GLU A 115 5.91 18.21 6.39
C GLU A 115 4.40 18.16 6.38
N ALA A 116 3.83 16.96 6.59
CA ALA A 116 2.38 16.74 6.49
C ALA A 116 1.70 17.04 7.84
N GLY A 117 1.01 18.16 7.89
CA GLY A 117 0.30 18.63 9.08
C GLY A 117 -1.19 18.38 9.09
N ASP A 118 -1.83 18.41 7.93
CA ASP A 118 -3.26 18.17 7.88
C ASP A 118 -3.49 16.70 8.06
N ALA A 119 -4.58 16.33 8.72
CA ALA A 119 -4.90 14.94 8.96
C ALA A 119 -4.94 14.11 7.70
N GLU A 120 -5.57 14.63 6.64
CA GLU A 120 -5.75 13.90 5.40
C GLU A 120 -4.39 13.49 4.85
N SER A 121 -3.46 14.45 4.80
CA SER A 121 -2.15 14.15 4.23
C SER A 121 -1.35 13.23 5.13
N ARG A 122 -1.32 13.54 6.42
CA ARG A 122 -0.51 12.73 7.38
C ARG A 122 -1.02 11.29 7.44
N VAL A 123 -2.32 11.09 7.52
CA VAL A 123 -2.87 9.72 7.51
C VAL A 123 -2.55 9.01 6.19
N PHE A 124 -2.70 9.72 5.05
CA PHE A 124 -2.38 9.14 3.75
C PHE A 124 -0.96 8.61 3.74
N TYR A 125 -0.01 9.42 4.19
CA TYR A 125 1.42 9.00 4.13
C TYR A 125 1.72 7.91 5.12
N LEU A 126 1.17 7.97 6.33
CA LEU A 126 1.41 6.92 7.28
C LEU A 126 0.80 5.59 6.83
N LYS A 127 -0.38 5.63 6.21
CA LYS A 127 -0.93 4.42 5.59
C LYS A 127 0.05 3.85 4.54
N MET A 128 0.62 4.73 3.71
CA MET A 128 1.58 4.28 2.69
C MET A 128 2.77 3.62 3.37
N LYS A 129 3.26 4.23 4.46
CA LYS A 129 4.39 3.69 5.17
C LYS A 129 4.07 2.28 5.69
N GLY A 130 2.89 2.12 6.30
CA GLY A 130 2.42 0.81 6.70
C GLY A 130 2.39 -0.20 5.55
N ASP A 131 1.82 0.22 4.42
CA ASP A 131 1.60 -0.62 3.26
C ASP A 131 2.98 -1.12 2.73
N TYR A 132 3.96 -0.23 2.61
CA TYR A 132 5.27 -0.61 1.97
C TYR A 132 6.07 -1.45 2.98
N TYR A 133 5.99 -1.18 4.28
CA TYR A 133 6.58 -2.13 5.25
C TYR A 133 5.86 -3.50 5.16
N ARG A 134 4.55 -3.50 4.94
CA ARG A 134 3.80 -4.76 4.82
C ARG A 134 4.31 -5.53 3.60
N TYR A 135 4.56 -4.85 2.49
CA TYR A 135 5.09 -5.56 1.29
C TYR A 135 6.49 -6.10 1.60
N LEU A 136 7.30 -5.35 2.33
CA LEU A 136 8.61 -5.88 2.76
C LEU A 136 8.43 -7.13 3.65
N ALA A 137 7.42 -7.08 4.53
CA ALA A 137 7.13 -8.19 5.43
C ALA A 137 6.73 -9.46 4.68
N GLU A 138 6.01 -9.32 3.56
CA GLU A 138 5.51 -10.45 2.80
C GLU A 138 6.66 -11.33 2.31
N VAL A 139 7.83 -10.73 2.07
CA VAL A 139 9.00 -11.48 1.54
C VAL A 139 10.12 -11.65 2.54
N ALA A 140 9.94 -11.15 3.76
CA ALA A 140 10.96 -11.21 4.79
C ALA A 140 11.00 -12.58 5.46
N THR A 141 12.24 -13.05 5.69
CA THR A 141 12.52 -14.38 6.30
C THR A 141 13.66 -14.41 7.33
N GLY A 142 14.36 -13.28 7.52
CA GLY A 142 15.59 -13.22 8.31
C GLY A 142 15.48 -12.58 9.69
N ASP A 143 16.62 -12.17 10.25
CA ASP A 143 16.77 -11.51 11.58
C ASP A 143 15.84 -10.31 11.80
N ASP A 144 15.42 -9.67 10.70
CA ASP A 144 14.68 -8.41 10.74
C ASP A 144 13.20 -8.50 10.45
N LYS A 145 12.66 -9.71 10.22
CA LYS A 145 11.25 -9.87 9.91
C LYS A 145 10.37 -9.26 11.02
N LYS A 146 10.72 -9.53 12.27
CA LYS A 146 9.89 -9.02 13.34
C LYS A 146 9.87 -7.53 13.35
N ARG A 147 11.04 -6.92 13.12
CA ARG A 147 11.20 -5.45 13.19
C ARG A 147 10.45 -4.85 11.99
N ILE A 148 10.47 -5.52 10.82
CA ILE A 148 9.74 -5.01 9.65
C ILE A 148 8.25 -5.01 9.96
N ILE A 149 7.77 -6.13 10.52
CA ILE A 149 6.37 -6.24 10.91
C ILE A 149 5.99 -5.17 11.90
N ASP A 150 6.84 -4.90 12.89
CA ASP A 150 6.53 -3.87 13.84
C ASP A 150 6.53 -2.46 13.25
N SER A 151 7.42 -2.22 12.26
CA SER A 151 7.44 -0.96 11.58
C SER A 151 6.10 -0.71 10.85
N ALA A 152 5.60 -1.76 10.18
CA ALA A 152 4.28 -1.64 9.52
C ALA A 152 3.20 -1.33 10.56
N ARG A 153 3.18 -2.13 11.62
CA ARG A 153 2.15 -2.01 12.69
C ARG A 153 2.20 -0.58 13.27
N SER A 154 3.39 -0.07 13.52
CA SER A 154 3.55 1.24 14.15
C SER A 154 3.01 2.37 13.26
N ALA A 155 3.32 2.29 11.97
CA ALA A 155 2.83 3.28 11.03
C ALA A 155 1.33 3.25 10.95
N TYR A 156 0.77 2.05 10.75
CA TYR A 156 -0.70 1.89 10.67
C TYR A 156 -1.34 2.41 11.96
N GLN A 157 -0.75 2.12 13.12
CA GLN A 157 -1.36 2.52 14.39
C GLN A 157 -1.38 4.02 14.53
N GLU A 158 -0.28 4.69 14.16
CA GLU A 158 -0.25 6.14 14.24
C GLU A 158 -1.32 6.73 13.32
N ALA A 159 -1.42 6.19 12.10
CA ALA A 159 -2.42 6.60 11.14
C ALA A 159 -3.83 6.41 11.71
N MET A 160 -4.08 5.27 12.34
CA MET A 160 -5.40 4.96 12.91
C MET A 160 -5.74 5.96 14.00
N ASP A 161 -4.77 6.24 14.87
CA ASP A 161 -5.04 7.13 15.99
C ASP A 161 -5.43 8.52 15.50
N ILE A 162 -4.72 9.04 14.48
CA ILE A 162 -5.03 10.35 13.92
C ILE A 162 -6.39 10.32 13.23
N SER A 163 -6.65 9.28 12.44
CA SER A 163 -7.87 9.18 11.66
C SER A 163 -9.09 9.16 12.58
N LYS A 164 -9.00 8.44 13.69
CA LYS A 164 -10.15 8.34 14.58
C LYS A 164 -10.43 9.66 15.24
N LYS A 165 -9.39 10.44 15.53
CA LYS A 165 -9.52 11.77 16.13
C LYS A 165 -10.03 12.83 15.19
N GLU A 166 -9.57 12.78 13.94
CA GLU A 166 -9.66 13.90 13.03
C GLU A 166 -10.53 13.75 11.80
N MET A 167 -10.98 12.53 11.49
CA MET A 167 -11.76 12.26 10.30
C MET A 167 -13.06 11.54 10.65
N PRO A 168 -14.13 11.75 9.85
CA PRO A 168 -15.36 11.00 10.05
C PRO A 168 -15.15 9.53 9.70
N PRO A 169 -15.99 8.63 10.24
CA PRO A 169 -15.83 7.21 9.99
C PRO A 169 -16.07 6.81 8.54
N THR A 170 -16.68 7.68 7.72
CA THR A 170 -16.84 7.41 6.31
C THR A 170 -15.72 7.93 5.41
N ASN A 171 -14.75 8.64 6.00
CA ASN A 171 -13.70 9.21 5.18
C ASN A 171 -12.97 8.11 4.38
N PRO A 172 -12.86 8.19 3.04
CA PRO A 172 -12.24 7.11 2.26
C PRO A 172 -10.79 6.79 2.67
N ILE A 173 -10.02 7.77 3.11
CA ILE A 173 -8.65 7.51 3.54
C ILE A 173 -8.69 6.69 4.82
N ARG A 174 -9.54 7.10 5.75
CA ARG A 174 -9.75 6.35 7.02
C ARG A 174 -10.21 4.92 6.68
N LEU A 175 -11.20 4.77 5.78
CA LEU A 175 -11.66 3.45 5.39
C LEU A 175 -10.58 2.57 4.77
N GLY A 176 -9.80 3.13 3.84
CA GLY A 176 -8.79 2.34 3.17
C GLY A 176 -7.66 1.96 4.11
N LEU A 177 -7.35 2.86 5.03
CA LEU A 177 -6.39 2.55 6.08
C LEU A 177 -6.86 1.36 6.89
N ALA A 178 -8.10 1.41 7.36
CA ALA A 178 -8.62 0.34 8.18
C ALA A 178 -8.67 -0.99 7.42
N LEU A 179 -9.11 -0.96 6.17
CA LEU A 179 -9.10 -2.12 5.31
C LEU A 179 -7.70 -2.76 5.26
N ASN A 180 -6.70 -1.94 5.01
CA ASN A 180 -5.32 -2.45 4.84
C ASN A 180 -4.72 -2.90 6.16
N PHE A 181 -5.03 -2.20 7.27
CA PHE A 181 -4.53 -2.63 8.59
C PHE A 181 -5.19 -3.95 8.95
N SER A 182 -6.47 -4.13 8.60
CA SER A 182 -7.15 -5.42 8.83
C SER A 182 -6.47 -6.53 8.07
N VAL A 183 -6.07 -6.28 6.82
CA VAL A 183 -5.32 -7.28 6.04
C VAL A 183 -3.95 -7.56 6.66
N PHE A 184 -3.26 -6.53 7.11
CA PHE A 184 -2.01 -6.69 7.87
C PHE A 184 -2.25 -7.68 9.01
N HIS A 185 -3.29 -7.46 9.82
CA HIS A 185 -3.53 -8.33 10.93
C HIS A 185 -3.73 -9.77 10.49
N TYR A 186 -4.49 -9.97 9.42
CA TYR A 186 -4.88 -11.32 8.95
C TYR A 186 -3.67 -12.04 8.34
N GLU A 187 -2.96 -11.36 7.45
CA GLU A 187 -1.96 -11.99 6.58
C GLU A 187 -0.56 -11.96 7.13
N ILE A 188 -0.23 -10.93 7.90
CA ILE A 188 1.12 -10.67 8.36
C ILE A 188 1.31 -10.95 9.85
N ALA A 189 0.35 -10.48 10.68
CA ALA A 189 0.49 -10.54 12.12
C ALA A 189 -0.09 -11.81 12.74
N ASN A 190 -0.64 -12.71 11.92
CA ASN A 190 -1.25 -13.95 12.41
C ASN A 190 -2.30 -13.64 13.48
N SER A 191 -3.08 -12.58 13.22
CA SER A 191 -4.14 -12.12 14.15
C SER A 191 -5.49 -12.02 13.44
N PRO A 192 -6.05 -13.15 12.95
CA PRO A 192 -7.31 -13.12 12.20
C PRO A 192 -8.46 -12.50 13.03
N GLU A 193 -8.50 -12.74 14.33
CA GLU A 193 -9.59 -12.17 15.14
C GLU A 193 -9.53 -10.67 15.16
N GLU A 194 -8.32 -10.11 15.29
CA GLU A 194 -8.13 -8.67 15.25
C GLU A 194 -8.56 -8.14 13.88
N ALA A 195 -8.19 -8.84 12.81
CA ALA A 195 -8.55 -8.44 11.45
C ALA A 195 -10.05 -8.35 11.29
N ILE A 196 -10.76 -9.38 11.75
CA ILE A 196 -12.21 -9.47 11.64
C ILE A 196 -12.88 -8.36 12.50
N SER A 197 -12.43 -8.19 13.74
CA SER A 197 -12.97 -7.16 14.61
C SER A 197 -12.84 -5.78 13.99
N LEU A 198 -11.64 -5.51 13.47
CA LEU A 198 -11.37 -4.21 12.88
C LEU A 198 -12.27 -3.95 11.67
N ALA A 199 -12.38 -4.94 10.79
CA ALA A 199 -13.18 -4.77 9.59
C ALA A 199 -14.65 -4.54 9.95
N LYS A 200 -15.13 -5.30 10.91
CA LYS A 200 -16.55 -5.23 11.33
C LYS A 200 -16.85 -3.88 11.96
N THR A 201 -16.03 -3.44 12.91
CA THR A 201 -16.25 -2.17 13.59
C THR A 201 -16.18 -1.04 12.56
N THR A 202 -15.19 -1.10 11.68
CA THR A 202 -15.03 -0.03 10.69
C THR A 202 -16.26 0.04 9.79
N PHE A 203 -16.76 -1.12 9.36
CA PHE A 203 -17.93 -1.19 8.45
C PHE A 203 -19.15 -0.60 9.15
N ASP A 204 -19.38 -1.02 10.39
CA ASP A 204 -20.58 -0.61 11.13
C ASP A 204 -20.55 0.89 11.43
N GLU A 205 -19.39 1.43 11.81
CA GLU A 205 -19.33 2.85 12.14
C GLU A 205 -19.48 3.68 10.87
N ALA A 206 -19.00 3.15 9.74
CA ALA A 206 -19.20 3.88 8.49
C ALA A 206 -20.69 3.87 8.08
N MET A 207 -21.32 2.70 8.19
CA MET A 207 -22.75 2.54 7.85
C MET A 207 -23.57 3.60 8.55
N ALA A 208 -23.30 3.78 9.85
CA ALA A 208 -24.02 4.71 10.71
C ALA A 208 -23.85 6.16 10.35
N ASP A 209 -22.82 6.49 9.54
CA ASP A 209 -22.48 7.86 9.16
C ASP A 209 -22.84 8.20 7.72
N LEU A 210 -23.27 7.20 6.94
CA LEU A 210 -23.61 7.41 5.54
C LEU A 210 -24.69 8.47 5.34
N HIS A 211 -25.58 8.65 6.33
CA HIS A 211 -26.71 9.55 6.18
C HIS A 211 -26.28 11.01 6.03
N THR A 212 -25.03 11.30 6.41
CA THR A 212 -24.50 12.66 6.41
C THR A 212 -23.97 13.06 5.06
N LEU A 213 -23.84 12.10 4.15
CA LEU A 213 -23.11 12.25 2.90
C LEU A 213 -23.94 12.66 1.70
N SER A 214 -23.32 13.41 0.81
CA SER A 214 -23.81 13.58 -0.55
C SER A 214 -23.77 12.31 -1.34
N GLU A 215 -24.42 12.32 -2.52
CA GLU A 215 -24.47 11.15 -3.37
C GLU A 215 -23.06 10.72 -3.79
N ASP A 216 -22.22 11.71 -4.13
CA ASP A 216 -20.88 11.41 -4.61
C ASP A 216 -19.99 10.86 -3.47
N SER A 217 -20.09 11.45 -2.27
CA SER A 217 -19.33 10.96 -1.11
C SER A 217 -19.79 9.58 -0.67
N TYR A 218 -21.10 9.36 -0.74
CA TYR A 218 -21.70 8.04 -0.47
C TYR A 218 -21.10 6.98 -1.41
N LYS A 219 -20.94 7.31 -2.69
CA LYS A 219 -20.37 6.36 -3.63
C LYS A 219 -18.93 5.99 -3.27
N ASP A 220 -18.15 7.01 -2.92
CA ASP A 220 -16.73 6.83 -2.55
C ASP A 220 -16.63 5.91 -1.35
N SER A 221 -17.43 6.19 -0.32
CA SER A 221 -17.33 5.44 0.93
C SER A 221 -17.85 4.01 0.80
N THR A 222 -19.01 3.85 0.15
CA THR A 222 -19.59 2.53 0.02
C THR A 222 -18.75 1.59 -0.83
N LEU A 223 -17.99 2.14 -1.78
CA LEU A 223 -17.07 1.31 -2.58
C LEU A 223 -16.08 0.59 -1.65
N ILE A 224 -15.54 1.34 -0.70
CA ILE A 224 -14.52 0.76 0.17
C ILE A 224 -15.15 -0.11 1.22
N MET A 225 -16.35 0.27 1.68
CA MET A 225 -17.09 -0.59 2.57
C MET A 225 -17.35 -1.98 1.99
N GLN A 226 -17.58 -2.05 0.68
CA GLN A 226 -17.81 -3.33 0.03
C GLN A 226 -16.57 -4.21 0.09
N LEU A 227 -15.40 -3.57 0.03
CA LEU A 227 -14.16 -4.33 0.18
C LEU A 227 -14.02 -4.93 1.59
N LEU A 228 -14.39 -4.15 2.63
CA LEU A 228 -14.42 -4.67 3.99
C LEU A 228 -15.34 -5.89 4.09
N ARG A 229 -16.54 -5.77 3.52
CA ARG A 229 -17.56 -6.85 3.49
C ARG A 229 -16.98 -8.06 2.74
N ASP A 230 -16.33 -7.82 1.60
CA ASP A 230 -15.77 -8.91 0.83
C ASP A 230 -14.76 -9.70 1.69
N ASN A 231 -13.91 -8.99 2.46
CA ASN A 231 -12.93 -9.66 3.31
C ASN A 231 -13.62 -10.43 4.43
N LEU A 232 -14.59 -9.81 5.09
CA LEU A 232 -15.34 -10.48 6.14
C LEU A 232 -16.00 -11.73 5.64
N THR A 233 -16.49 -11.70 4.40
CA THR A 233 -17.12 -12.89 3.77
C THR A 233 -16.11 -14.02 3.56
N LEU A 234 -14.93 -13.64 3.09
CA LEU A 234 -13.82 -14.55 2.91
C LEU A 234 -13.37 -15.17 4.24
N TRP A 235 -13.42 -14.39 5.32
CA TRP A 235 -12.79 -14.75 6.59
C TRP A 235 -13.67 -15.44 7.62
N THR A 236 -14.98 -15.42 7.37
CA THR A 236 -15.96 -15.94 8.32
C THR A 236 -16.94 -16.90 7.64
N ARG B 1 -7.67 -13.60 -3.20
CA ARG B 1 -6.92 -13.06 -2.03
C ARG B 1 -7.81 -12.04 -1.27
N SEP B 2 -7.36 -11.64 -0.09
CA SEP B 2 -7.94 -10.51 0.68
CB SEP B 2 -7.26 -10.39 2.02
OG SEP B 2 -7.63 -11.53 2.82
C SEP B 2 -7.79 -9.23 -0.15
O SEP B 2 -6.71 -9.01 -0.73
P SEP B 2 -6.67 -12.85 2.84
O1P SEP B 2 -6.14 -13.03 1.43
O2P SEP B 2 -5.58 -12.55 3.84
O3P SEP B 2 -7.58 -14.00 3.30
N CSO B 3 -8.84 -8.40 -0.19
CA CSO B 3 -8.83 -7.10 -0.88
CB CSO B 3 -10.22 -6.56 -1.06
SG CSO B 3 -11.28 -7.67 -2.00
C CSO B 3 -8.07 -6.07 -0.04
O CSO B 3 -8.41 -5.93 1.12
OD CSO B 3 -10.61 -7.66 -3.51
N TPO B 4 -7.13 -5.35 -0.64
CA TPO B 4 -6.59 -4.10 -0.06
CB TPO B 4 -5.09 -4.21 0.24
CG2 TPO B 4 -4.82 -5.22 1.32
OG1 TPO B 4 -4.46 -4.59 -1.01
P TPO B 4 -2.85 -4.70 -1.07
O1P TPO B 4 -2.62 -4.79 -2.58
O2P TPO B 4 -2.44 -5.96 -0.35
O3P TPO B 4 -2.29 -3.44 -0.46
C TPO B 4 -6.97 -2.94 -0.96
O TPO B 4 -7.55 -3.21 -2.06
N TRP B 5 -6.71 -1.70 -0.53
CA TRP B 5 -7.45 -0.60 -1.13
C TRP B 5 -6.91 -0.21 -2.50
N PRO B 6 -6.11 0.88 -2.67
CA PRO B 6 -6.05 1.56 -3.96
C PRO B 6 -6.49 0.65 -5.14
N LEU B 7 -5.96 -0.57 -5.21
CA LEU B 7 -6.21 -1.58 -6.26
C LEU B 7 -5.35 -1.24 -7.47
N PRO B 8 -4.37 -2.10 -7.85
CA PRO B 8 -3.47 -1.80 -8.97
C PRO B 8 -4.14 -1.92 -10.35
MG MG C . -9.92 -1.67 18.51
MG MG D . 16.46 -11.95 -0.44
C12 L70 E . -8.50 6.71 -1.91
C13 L70 E . -7.53 6.85 -2.90
C15 L70 E . -6.22 6.44 -2.62
C17 L70 E . -5.92 5.90 -1.38
C18 L70 E . -6.91 5.76 -0.41
C20 L70 E . -8.20 6.17 -0.68
C22 L70 E . -9.74 9.86 -2.74
C02 L70 E . -9.48 15.09 -4.45
C03 L70 E . -10.60 14.16 -4.95
C05 L70 E . -10.50 12.53 -2.93
C06 L70 E . -10.68 11.06 -2.32
C07 L70 E . -12.11 10.85 -2.62
C08 L70 E . -12.26 9.77 -3.60
C09 L70 E . -11.88 8.51 -2.88
C11 L70 E . -9.94 7.13 -2.23
N04 L70 E . -10.73 12.82 -4.34
N10 L70 E . -10.41 8.47 -2.57
N14 L70 E . -7.90 7.41 -4.19
O21 L70 E . -10.72 6.20 -2.20
O23 L70 E . -10.24 13.40 -2.18
S01 L70 E . -7.92 14.18 -4.14
CL16 L70 E . -4.97 6.59 -3.89
CL19 L70 E . -6.57 5.09 1.21
#